data_7HPW
#
_entry.id   7HPW
#
_cell.length_a   88.833
_cell.length_b   88.833
_cell.length_c   39.465
_cell.angle_alpha   90.000
_cell.angle_beta   90.000
_cell.angle_gamma   90.000
#
_symmetry.space_group_name_H-M   'P 43'
#
loop_
_entity.id
_entity.type
_entity.pdbx_description
1 polymer 'Non-structural protein 3'
2 non-polymer 4-{[(1S)-2-bromocyclohex-2-en-1-yl]amino}-7H-pyrrolo[2,3-d]pyrimidine-5-carboxamide
3 non-polymer 4-{[(1R)-2-bromocyclohex-2-en-1-yl]amino}-7H-pyrrolo[2,3-d]pyrimidine-5-carboxamide
4 water water
#
_entity_poly.entity_id   1
_entity_poly.type   'polypeptide(L)'
_entity_poly.pdbx_seq_one_letter_code
;SMVNSFSGYLKLTDNVYIKNADIVEEAKKVKPTVVVNAANVYLKHGGGVAGALNKATNNAMQVESDDYIATNGPLKVGGS
CVLSGHNLAKHCLHVVGPNVNKGEDIQLLKSAYENFNQHEVLLAPLLSAGIFGADPIHSLRVCVDTVRTNVYLAVFDKNL
YDKLVSSFL
;
_entity_poly.pdbx_strand_id   A,B
#
loop_
_chem_comp.id
_chem_comp.type
_chem_comp.name
_chem_comp.formula
A1BKQ non-polymer 4-{[(1S)-2-bromocyclohex-2-en-1-yl]amino}-7H-pyrrolo[2,3-d]pyrimidine-5-carboxamide 'C13 H14 Br N5 O'
A1CM4 non-polymer 4-{[(1R)-2-bromocyclohex-2-en-1-yl]amino}-7H-pyrrolo[2,3-d]pyrimidine-5-carboxamide 'C13 H14 Br N5 O'
#
# COMPACT_ATOMS: atom_id res chain seq x y z
N VAL A 3 10.77 5.18 -21.14
N VAL A 3 10.14 3.83 -19.60
CA VAL A 3 10.29 4.14 -22.03
CA VAL A 3 10.03 3.32 -20.96
C VAL A 3 10.43 2.77 -21.38
C VAL A 3 10.51 1.87 -20.99
N ASN A 4 9.36 1.98 -21.43
N ASN A 4 9.64 0.95 -20.57
CA ASN A 4 9.37 0.62 -20.89
CA ASN A 4 10.00 -0.45 -20.41
C ASN A 4 8.83 -0.35 -21.96
C ASN A 4 9.70 -1.24 -21.68
N SER A 5 8.80 -1.63 -21.59
N SER A 5 9.34 -2.52 -21.52
CA SER A 5 8.56 -2.71 -22.54
CA SER A 5 9.11 -3.41 -22.65
C SER A 5 7.09 -3.14 -22.62
C SER A 5 7.67 -3.95 -22.68
N PHE A 6 6.20 -2.50 -21.89
N PHE A 6 6.72 -3.21 -22.09
CA PHE A 6 4.78 -2.87 -21.95
CA PHE A 6 5.32 -3.59 -22.19
C PHE A 6 4.18 -2.44 -23.29
C PHE A 6 4.83 -3.32 -23.60
N SER A 7 3.42 -3.34 -23.91
N SER A 7 4.00 -4.24 -24.12
CA SER A 7 2.94 -3.15 -25.27
CA SER A 7 3.56 -4.18 -25.51
C SER A 7 1.44 -3.41 -25.36
C SER A 7 2.05 -4.40 -25.59
N GLY A 8 0.75 -2.61 -26.16
N GLY A 8 1.37 -3.53 -26.34
CA GLY A 8 -0.65 -2.84 -26.44
CA GLY A 8 -0.04 -3.70 -26.63
C GLY A 8 -1.62 -2.37 -25.38
C GLY A 8 -1.02 -3.07 -25.66
N TYR A 9 -1.19 -1.51 -24.46
N TYR A 9 -0.56 -2.18 -24.79
CA TYR A 9 -2.05 -1.02 -23.39
CA TYR A 9 -1.41 -1.64 -23.74
C TYR A 9 -2.82 0.23 -23.84
C TYR A 9 -2.14 -0.37 -24.20
N LEU A 10 -4.05 0.33 -23.36
N LEU A 10 -3.33 -0.17 -23.64
CA LEU A 10 -4.83 1.56 -23.48
CA LEU A 10 -4.19 0.97 -23.93
C LEU A 10 -4.48 2.45 -22.29
C LEU A 10 -4.11 1.96 -22.76
N LYS A 11 -4.23 3.73 -22.55
N LYS A 11 -3.97 3.23 -23.09
CA LYS A 11 -3.89 4.70 -21.52
CA LYS A 11 -3.74 4.26 -22.08
C LYS A 11 -5.18 5.25 -20.91
C LYS A 11 -5.07 4.69 -21.47
N LEU A 12 -5.37 5.06 -19.61
N LEU A 12 -5.21 4.53 -20.15
CA LEU A 12 -6.56 5.59 -18.95
CA LEU A 12 -6.40 5.01 -19.45
C LEU A 12 -6.31 6.97 -18.35
C LEU A 12 -6.20 6.39 -18.82
N THR A 13 -5.15 7.16 -17.72
N THR A 13 -5.09 6.57 -18.11
CA THR A 13 -4.79 8.41 -17.07
CA THR A 13 -4.77 7.85 -17.48
C THR A 13 -3.30 8.63 -17.27
C THR A 13 -3.29 8.14 -17.73
N ASP A 14 -2.78 9.67 -16.62
N ASP A 14 -2.80 9.16 -17.03
CA ASP A 14 -1.35 9.94 -16.67
CA ASP A 14 -1.40 9.53 -17.11
C ASP A 14 -0.53 8.72 -16.30
C ASP A 14 -0.49 8.34 -16.79
N ASN A 15 -1.02 7.89 -15.36
N ASN A 15 -0.87 7.53 -15.81
CA ASN A 15 -0.20 6.83 -14.78
CA ASN A 15 0.02 6.48 -15.31
C ASN A 15 -0.83 5.45 -14.80
C ASN A 15 -0.56 5.08 -15.34
N VAL A 16 -2.06 5.28 -15.28
N VAL A 16 -1.79 4.89 -15.81
CA VAL A 16 -2.76 4.00 -15.28
CA VAL A 16 -2.46 3.59 -15.79
C VAL A 16 -3.04 3.56 -16.72
C VAL A 16 -2.72 3.14 -17.22
N TYR A 17 -2.68 2.31 -17.01
N TYR A 17 -2.25 1.94 -17.56
CA TYR A 17 -2.81 1.69 -18.32
CA TYR A 17 -2.48 1.31 -18.85
C TYR A 17 -3.53 0.35 -18.14
C TYR A 17 -3.12 -0.06 -18.64
N ILE A 18 -4.23 -0.11 -19.18
N ILE A 18 -3.81 -0.54 -19.67
CA ILE A 18 -5.05 -1.31 -19.08
CA ILE A 18 -4.61 -1.76 -19.56
C ILE A 18 -5.01 -2.12 -20.37
C ILE A 18 -4.51 -2.59 -20.82
N LYS A 19 -5.08 -3.46 -20.22
N LYS A 19 -4.44 -3.91 -20.65
CA LYS A 19 -5.01 -4.37 -21.36
CA LYS A 19 -4.37 -4.86 -21.76
C LYS A 19 -5.81 -5.64 -21.05
C LYS A 19 -5.24 -6.06 -21.43
N ASN A 20 -6.44 -6.21 -22.08
N ASN A 20 -5.95 -6.58 -22.42
CA ASN A 20 -7.01 -7.56 -21.97
CA ASN A 20 -6.79 -7.76 -22.25
C ASN A 20 -5.87 -8.55 -22.15
C ASN A 20 -5.89 -8.98 -22.32
N ALA A 21 -5.43 -9.17 -21.06
N ALA A 21 -5.49 -9.49 -21.16
CA ALA A 21 -4.29 -10.07 -21.13
CA ALA A 21 -4.52 -10.57 -21.11
C ALA A 21 -4.30 -11.01 -19.93
C ALA A 21 -4.56 -11.23 -19.75
N ASP A 22 -3.65 -12.17 -20.12
N ASP A 22 -4.09 -12.48 -19.72
CA ASP A 22 -3.37 -13.11 -19.04
CA ASP A 22 -3.77 -13.14 -18.46
C ASP A 22 -2.10 -12.67 -18.34
C ASP A 22 -2.52 -12.50 -17.87
N ILE A 23 -2.21 -12.29 -17.07
N ILE A 23 -2.60 -12.08 -16.61
CA ILE A 23 -1.08 -11.73 -16.33
CA ILE A 23 -1.44 -11.45 -15.97
C ILE A 23 0.09 -12.70 -16.29
C ILE A 23 -0.23 -12.38 -15.99
N VAL A 24 -0.19 -14.01 -16.29
N VAL A 24 -0.47 -13.69 -15.97
CA VAL A 24 0.88 -15.01 -16.33
CA VAL A 24 0.62 -14.65 -15.98
C VAL A 24 1.69 -14.88 -17.62
C VAL A 24 1.38 -14.58 -17.31
N GLU A 25 0.99 -14.87 -18.75
N GLU A 25 0.64 -14.53 -18.42
CA GLU A 25 1.68 -14.74 -20.03
CA GLU A 25 1.28 -14.49 -19.73
C GLU A 25 2.32 -13.36 -20.18
C GLU A 25 2.00 -13.16 -19.96
N GLU A 26 1.66 -12.33 -19.68
N GLU A 26 1.44 -12.06 -19.46
CA GLU A 26 2.24 -11.00 -19.72
CA GLU A 26 2.13 -10.77 -19.57
C GLU A 26 3.52 -10.93 -18.90
C GLU A 26 3.44 -10.77 -18.80
N ALA A 27 3.50 -11.50 -17.69
CA ALA A 27 4.71 -11.51 -16.86
C ALA A 27 5.83 -12.28 -17.55
N LYS A 28 5.51 -13.46 -18.10
CA LYS A 28 6.53 -14.26 -18.77
C LYS A 28 7.16 -13.51 -19.94
N LYS A 29 6.38 -12.68 -20.64
N LYS A 29 6.38 -12.67 -20.63
CA LYS A 29 6.92 -11.96 -21.80
CA LYS A 29 6.90 -11.95 -21.79
C LYS A 29 7.72 -10.73 -21.39
C LYS A 29 7.71 -10.73 -21.38
N VAL A 30 7.19 -9.95 -20.45
CA VAL A 30 7.83 -8.69 -20.09
C VAL A 30 8.92 -8.86 -19.04
N LYS A 31 8.79 -9.82 -18.15
N LYS A 31 8.79 -9.84 -18.17
CA LYS A 31 9.67 -9.96 -17.00
CA LYS A 31 9.64 -9.98 -16.99
C LYS A 31 9.77 -8.63 -16.25
C LYS A 31 9.76 -8.64 -16.26
N PRO A 32 8.65 -8.09 -15.77
CA PRO A 32 8.69 -6.78 -15.13
C PRO A 32 9.46 -6.82 -13.83
N THR A 33 9.85 -5.63 -13.37
CA THR A 33 10.48 -5.53 -12.06
C THR A 33 9.55 -6.04 -10.97
N VAL A 34 8.25 -5.71 -11.07
CA VAL A 34 7.27 -6.07 -10.05
C VAL A 34 6.01 -6.61 -10.74
N VAL A 35 5.62 -7.83 -10.40
CA VAL A 35 4.28 -8.33 -10.66
C VAL A 35 3.52 -8.38 -9.35
N VAL A 36 2.27 -7.93 -9.37
CA VAL A 36 1.41 -7.95 -8.20
C VAL A 36 0.60 -9.25 -8.18
N ASN A 37 0.60 -9.93 -7.04
CA ASN A 37 -0.29 -11.05 -6.80
C ASN A 37 -1.48 -10.61 -5.98
N ALA A 38 -2.65 -11.14 -6.37
N ALA A 38 -2.66 -11.12 -6.34
CA ALA A 38 -3.89 -11.06 -5.62
CA ALA A 38 -3.88 -10.85 -5.57
C ALA A 38 -3.85 -12.08 -4.49
C ALA A 38 -4.01 -11.93 -4.50
N ALA A 39 -3.14 -11.73 -3.42
N ALA A 39 -3.37 -11.69 -3.36
CA ALA A 39 -2.87 -12.64 -2.32
CA ALA A 39 -3.15 -12.73 -2.36
C ALA A 39 -3.99 -12.64 -1.29
C ALA A 39 -4.14 -12.62 -1.21
N ASN A 40 -3.99 -13.67 -0.44
N ASN A 40 -4.21 -13.70 -0.44
CA ASN A 40 -4.72 -13.67 0.81
CA ASN A 40 -4.86 -13.68 0.87
C ASN A 40 -3.74 -13.61 1.98
C ASN A 40 -3.80 -13.60 1.96
N VAL A 41 -4.28 -13.39 3.19
CA VAL A 41 -3.39 -13.15 4.33
C VAL A 41 -2.48 -14.30 4.65
N TYR A 42 -2.85 -15.53 4.26
CA TYR A 42 -2.07 -16.72 4.53
C TYR A 42 -1.10 -17.06 3.40
N LEU A 43 -1.10 -16.27 2.33
CA LEU A 43 -0.33 -16.56 1.13
C LEU A 43 -0.57 -17.98 0.64
N LYS A 44 -1.83 -18.42 0.70
N LYS A 44 -1.82 -18.43 0.70
CA LYS A 44 -2.24 -19.70 0.15
CA LYS A 44 -2.21 -19.73 0.17
C LYS A 44 -2.74 -19.45 -1.26
C LYS A 44 -2.71 -19.52 -1.26
N HIS A 45 -1.93 -19.81 -2.24
N HIS A 45 -1.87 -19.87 -2.24
CA HIS A 45 -2.15 -19.42 -3.63
CA HIS A 45 -2.16 -19.59 -3.64
C HIS A 45 -2.93 -20.50 -4.37
C HIS A 45 -2.78 -20.84 -4.27
N GLY A 46 -4.21 -20.60 -4.05
N GLY A 46 -4.06 -21.05 -3.96
CA GLY A 46 -5.01 -21.73 -4.51
CA GLY A 46 -4.76 -22.20 -4.50
C GLY A 46 -5.72 -21.56 -5.83
C GLY A 46 -5.44 -21.95 -5.83
N GLY A 47 -6.17 -20.33 -6.12
N GLY A 47 -5.97 -20.75 -6.03
CA GLY A 47 -7.02 -20.10 -7.28
CA GLY A 47 -6.72 -20.43 -7.23
C GLY A 47 -6.95 -18.64 -7.68
C GLY A 47 -6.65 -18.96 -7.57
N GLY A 48 -7.77 -18.30 -8.67
N GLY A 48 -7.40 -18.55 -8.59
CA GLY A 48 -7.72 -16.95 -9.17
CA GLY A 48 -7.41 -17.17 -9.03
C GLY A 48 -6.35 -16.63 -9.73
C GLY A 48 -6.06 -16.75 -9.57
N VAL A 49 -6.00 -15.34 -9.67
N VAL A 49 -5.82 -15.43 -9.50
CA VAL A 49 -4.68 -14.91 -10.13
CA VAL A 49 -4.52 -14.89 -9.88
C VAL A 49 -3.58 -15.62 -9.35
C VAL A 49 -3.40 -15.60 -9.12
N ALA A 50 -3.72 -15.74 -8.03
N ALA A 50 -3.59 -15.81 -7.82
CA ALA A 50 -2.66 -16.32 -7.22
CA ALA A 50 -2.54 -16.43 -7.02
C ALA A 50 -2.37 -17.77 -7.61
C ALA A 50 -2.28 -17.86 -7.47
N GLY A 51 -3.43 -18.57 -7.75
N GLY A 51 -3.35 -18.63 -7.68
CA GLY A 51 -3.22 -19.94 -8.15
CA GLY A 51 -3.19 -19.98 -8.15
C GLY A 51 -2.54 -20.04 -9.50
C GLY A 51 -2.51 -20.04 -9.51
N ALA A 52 -2.89 -19.14 -10.42
CA ALA A 52 -2.29 -19.14 -11.75
C ALA A 52 -0.82 -18.72 -11.70
N LEU A 53 -0.50 -17.66 -10.97
N LEU A 53 -0.50 -17.67 -10.95
CA LEU A 53 0.91 -17.25 -10.85
CA LEU A 53 0.90 -17.27 -10.80
C LEU A 53 1.73 -18.35 -10.19
C LEU A 53 1.72 -18.41 -10.19
N ASN A 54 1.19 -18.94 -9.12
N ASN A 54 1.24 -18.96 -9.08
CA ASN A 54 1.96 -19.97 -8.43
CA ASN A 54 2.01 -20.02 -8.41
C ASN A 54 2.20 -21.17 -9.33
C ASN A 54 2.20 -21.22 -9.31
N LYS A 55 1.17 -21.60 -10.08
CA LYS A 55 1.33 -22.73 -10.99
C LYS A 55 2.43 -22.46 -12.00
N ALA A 56 2.51 -21.22 -12.49
CA ALA A 56 3.53 -20.87 -13.47
C ALA A 56 4.94 -20.92 -12.89
N THR A 57 5.09 -20.79 -11.56
CA THR A 57 6.38 -20.95 -10.89
C THR A 57 6.66 -22.39 -10.47
N ASN A 58 5.83 -23.34 -10.89
CA ASN A 58 6.05 -24.75 -10.53
C ASN A 58 5.97 -24.93 -9.00
N ASN A 59 5.15 -24.14 -8.33
CA ASN A 59 4.91 -24.17 -6.87
C ASN A 59 6.04 -23.53 -6.07
N ALA A 60 7.06 -22.95 -6.71
CA ALA A 60 8.12 -22.31 -5.93
C ALA A 60 7.59 -21.11 -5.17
N MET A 61 6.64 -20.38 -5.74
CA MET A 61 6.02 -19.27 -5.01
C MET A 61 5.39 -19.75 -3.71
N GLN A 62 4.67 -20.87 -3.75
CA GLN A 62 4.05 -21.39 -2.54
C GLN A 62 5.08 -21.81 -1.50
N VAL A 63 6.15 -22.49 -1.93
CA VAL A 63 7.19 -22.92 -1.01
C VAL A 63 7.81 -21.72 -0.29
N GLU A 64 8.15 -20.68 -1.06
CA GLU A 64 8.71 -19.47 -0.48
C GLU A 64 7.71 -18.81 0.47
N SER A 65 6.43 -18.78 0.07
CA SER A 65 5.40 -18.15 0.87
C SER A 65 5.19 -18.87 2.19
N ASP A 66 5.23 -20.20 2.19
CA ASP A 66 5.04 -20.94 3.42
C ASP A 66 6.14 -20.64 4.42
N ASP A 67 7.38 -20.51 3.94
CA ASP A 67 8.47 -20.10 4.82
C ASP A 67 8.26 -18.69 5.35
N TYR A 68 7.78 -17.78 4.49
CA TYR A 68 7.50 -16.40 4.93
C TYR A 68 6.48 -16.40 6.06
N ILE A 69 5.38 -17.14 5.91
CA ILE A 69 4.34 -17.15 6.93
C ILE A 69 4.83 -17.83 8.21
N ALA A 70 5.60 -18.91 8.08
CA ALA A 70 6.14 -19.57 9.26
C ALA A 70 6.99 -18.62 10.10
N THR A 71 7.68 -17.69 9.44
CA THR A 71 8.54 -16.75 10.14
C THR A 71 7.78 -15.54 10.66
N ASN A 72 6.86 -14.99 9.86
CA ASN A 72 6.30 -13.67 10.09
C ASN A 72 4.83 -13.68 10.46
N GLY A 73 4.12 -14.78 10.28
CA GLY A 73 2.69 -14.79 10.49
C GLY A 73 1.96 -14.16 9.32
N PRO A 74 0.63 -14.16 9.40
CA PRO A 74 -0.19 -13.68 8.27
C PRO A 74 -0.04 -12.19 8.02
N LEU A 75 -0.31 -11.82 6.78
CA LEU A 75 -0.43 -10.41 6.43
C LEU A 75 -1.73 -9.85 7.00
N LYS A 76 -1.85 -8.53 6.93
CA LYS A 76 -3.09 -7.81 7.20
C LYS A 76 -3.89 -7.67 5.90
N VAL A 77 -5.22 -7.71 6.01
CA VAL A 77 -6.04 -7.28 4.88
C VAL A 77 -5.74 -5.81 4.61
N GLY A 78 -5.42 -5.50 3.35
CA GLY A 78 -4.91 -4.19 2.97
C GLY A 78 -3.40 -4.10 2.95
N GLY A 79 -2.69 -5.12 3.43
CA GLY A 79 -1.25 -5.11 3.49
C GLY A 79 -0.61 -5.88 2.35
N SER A 80 0.73 -5.98 2.44
CA SER A 80 1.51 -6.58 1.37
C SER A 80 2.85 -7.05 1.91
N CYS A 81 3.51 -7.87 1.09
CA CYS A 81 4.92 -8.17 1.30
C CYS A 81 5.57 -8.35 -0.07
N VAL A 82 6.88 -8.09 -0.12
CA VAL A 82 7.68 -8.29 -1.33
C VAL A 82 8.41 -9.62 -1.20
N LEU A 83 8.20 -10.51 -2.17
CA LEU A 83 8.91 -11.77 -2.25
C LEU A 83 9.50 -11.89 -3.64
N SER A 84 10.11 -13.03 -3.92
CA SER A 84 10.70 -13.24 -5.24
C SER A 84 9.64 -13.28 -6.33
N GLY A 85 10.00 -12.81 -7.51
CA GLY A 85 9.17 -12.99 -8.69
C GLY A 85 9.43 -14.28 -9.44
N HIS A 86 10.39 -15.09 -8.99
CA HIS A 86 10.67 -16.40 -9.58
C HIS A 86 10.96 -16.22 -11.07
N ASN A 87 10.37 -17.03 -11.94
CA ASN A 87 10.59 -16.96 -13.37
C ASN A 87 9.68 -15.93 -14.05
N LEU A 88 8.90 -15.18 -13.28
CA LEU A 88 7.90 -14.28 -13.85
C LEU A 88 8.27 -12.80 -13.80
N ALA A 89 9.12 -12.41 -12.86
CA ALA A 89 9.42 -11.01 -12.60
C ALA A 89 10.59 -10.99 -11.62
N LYS A 90 11.21 -9.83 -11.45
N LYS A 90 11.19 -9.82 -11.44
CA LYS A 90 12.22 -9.72 -10.42
CA LYS A 90 12.23 -9.71 -10.41
C LYS A 90 11.60 -9.97 -9.04
C LYS A 90 11.63 -9.93 -9.02
N HIS A 91 10.52 -9.24 -8.73
CA HIS A 91 9.85 -9.33 -7.45
C HIS A 91 8.37 -9.59 -7.67
N CYS A 92 7.75 -10.23 -6.69
CA CYS A 92 6.31 -10.29 -6.59
C CYS A 92 5.85 -9.52 -5.35
N LEU A 93 5.00 -8.52 -5.57
CA LEU A 93 4.34 -7.80 -4.49
C LEU A 93 3.01 -8.50 -4.22
N HIS A 94 2.95 -9.24 -3.11
CA HIS A 94 1.74 -9.92 -2.70
C HIS A 94 0.87 -8.92 -1.95
N VAL A 95 -0.28 -8.56 -2.51
CA VAL A 95 -1.15 -7.55 -1.94
C VAL A 95 -2.48 -8.19 -1.59
N VAL A 96 -2.97 -7.95 -0.38
CA VAL A 96 -4.23 -8.51 0.09
C VAL A 96 -5.33 -7.46 0.00
N GLY A 97 -6.15 -7.56 -1.04
N GLY A 97 -6.21 -7.61 -0.98
CA GLY A 97 -7.37 -6.81 -1.10
CA GLY A 97 -7.42 -6.80 -1.01
C GLY A 97 -8.43 -7.49 -0.29
C GLY A 97 -8.49 -7.38 -0.11
N PRO A 98 -9.45 -6.77 0.15
N PRO A 98 -9.43 -6.56 0.34
CA PRO A 98 -10.56 -7.40 0.87
CA PRO A 98 -10.51 -7.08 1.19
C PRO A 98 -11.29 -8.40 -0.02
C PRO A 98 -11.42 -8.04 0.43
N ASN A 99 -11.67 -9.53 0.58
N ASN A 99 -11.80 -9.11 1.10
CA ASN A 99 -12.46 -10.56 -0.09
CA ASN A 99 -12.73 -10.10 0.56
C ASN A 99 -13.90 -10.40 0.36
C ASN A 99 -14.11 -9.80 1.11
N VAL A 100 -14.75 -9.91 -0.55
N VAL A 100 -14.95 -9.17 0.29
CA VAL A 100 -16.16 -9.68 -0.25
CA VAL A 100 -16.30 -8.81 0.74
C VAL A 100 -16.84 -10.99 0.13
C VAL A 100 -17.12 -10.05 1.04
N ASN A 101 -16.42 -12.09 -0.47
N ASN A 101 -16.75 -11.20 0.49
CA ASN A 101 -17.00 -13.39 -0.12
CA ASN A 101 -17.40 -12.45 0.85
C ASN A 101 -16.58 -13.88 1.25
C ASN A 101 -17.04 -12.90 2.25
N LYS A 102 -15.74 -13.11 1.97
N LYS A 102 -15.86 -12.47 2.74
CA LYS A 102 -15.45 -13.35 3.38
CA LYS A 102 -15.41 -12.72 4.10
C LYS A 102 -16.02 -12.27 4.30
C LYS A 102 -15.96 -11.71 5.09
N GLY A 103 -16.67 -11.26 3.76
N GLY A 103 -16.86 -10.82 4.67
CA GLY A 103 -17.24 -10.19 4.56
CA GLY A 103 -17.33 -9.78 5.55
C GLY A 103 -16.29 -9.06 4.90
C GLY A 103 -16.31 -8.70 5.84
N GLU A 104 -15.18 -8.92 4.20
N GLU A 104 -15.36 -8.49 4.93
CA GLU A 104 -14.16 -7.94 4.56
CA GLU A 104 -14.25 -7.57 5.18
C GLU A 104 -14.52 -6.55 4.01
C GLU A 104 -14.56 -6.20 4.60
N ASP A 105 -14.13 -5.53 4.75
N ASP A 105 -13.96 -5.19 5.21
CA ASP A 105 -14.55 -4.15 4.49
CA ASP A 105 -14.27 -3.79 4.93
C ASP A 105 -13.96 -3.66 3.17
C ASP A 105 -13.84 -3.43 3.52
N ILE A 106 -14.83 -3.25 2.25
N ILE A 106 -14.81 -3.14 2.64
CA ILE A 106 -14.37 -2.78 0.93
CA ILE A 106 -14.49 -2.80 1.27
C ILE A 106 -13.54 -1.52 1.04
C ILE A 106 -13.66 -1.52 1.19
N GLN A 107 -13.72 -0.73 2.10
N GLN A 107 -13.73 -0.67 2.22
CA GLN A 107 -12.90 0.46 2.30
CA GLN A 107 -12.91 0.53 2.24
C GLN A 107 -11.43 0.11 2.38
C GLN A 107 -11.42 0.20 2.32
N LEU A 108 -11.10 -1.14 2.72
N LEU A 108 -11.08 -1.02 2.72
CA LEU A 108 -9.71 -1.57 2.76
CA LEU A 108 -9.68 -1.43 2.76
C LEU A 108 -9.10 -1.67 1.36
C LEU A 108 -9.09 -1.64 1.37
N LEU A 109 -9.91 -1.56 0.31
CA LEU A 109 -9.36 -1.63 -1.03
C LEU A 109 -8.40 -0.48 -1.29
N LYS A 110 -8.72 0.72 -0.80
CA LYS A 110 -7.80 1.84 -1.00
C LYS A 110 -6.46 1.59 -0.32
N SER A 111 -6.49 1.09 0.92
CA SER A 111 -5.26 0.75 1.62
C SER A 111 -4.44 -0.27 0.83
N ALA A 112 -5.12 -1.27 0.25
CA ALA A 112 -4.43 -2.28 -0.55
C ALA A 112 -3.70 -1.64 -1.73
N TYR A 113 -4.39 -0.77 -2.46
CA TYR A 113 -3.75 -0.11 -3.60
C TYR A 113 -2.62 0.82 -3.19
N GLU A 114 -2.65 1.39 -1.97
CA GLU A 114 -1.56 2.25 -1.55
C GLU A 114 -0.21 1.54 -1.57
N ASN A 115 -0.20 0.21 -1.40
CA ASN A 115 1.05 -0.52 -1.47
C ASN A 115 1.75 -0.34 -2.81
N PHE A 116 0.97 -0.12 -3.88
CA PHE A 116 1.57 0.03 -5.21
C PHE A 116 2.47 1.26 -5.27
N ASN A 117 2.21 2.28 -4.44
CA ASN A 117 2.98 3.52 -4.53
C ASN A 117 4.41 3.37 -4.08
N GLN A 118 4.77 2.24 -3.47
CA GLN A 118 6.14 1.98 -3.08
C GLN A 118 6.99 1.46 -4.23
N HIS A 119 6.42 1.34 -5.43
CA HIS A 119 7.10 0.78 -6.59
C HIS A 119 6.84 1.66 -7.81
N GLU A 120 7.90 1.99 -8.53
CA GLU A 120 7.77 2.97 -9.61
C GLU A 120 6.92 2.45 -10.78
N VAL A 121 7.00 1.15 -11.07
CA VAL A 121 6.27 0.53 -12.18
C VAL A 121 5.84 -0.87 -11.74
N LEU A 122 4.59 -1.23 -12.05
CA LEU A 122 4.07 -2.54 -11.69
C LEU A 122 3.17 -3.08 -12.78
N LEU A 123 3.19 -4.41 -12.94
CA LEU A 123 2.18 -5.17 -13.66
C LEU A 123 1.23 -5.75 -12.62
N ALA A 124 -0.07 -5.55 -12.79
CA ALA A 124 -0.98 -5.88 -11.70
C ALA A 124 -2.35 -6.32 -12.21
N PRO A 125 -3.07 -7.12 -11.43
N PRO A 125 -3.10 -7.08 -11.41
CA PRO A 125 -4.49 -7.34 -11.64
CA PRO A 125 -4.50 -7.38 -11.73
C PRO A 125 -5.30 -6.29 -10.90
C PRO A 125 -5.43 -6.43 -10.97
N LEU A 126 -6.59 -6.23 -11.20
N LEU A 126 -6.75 -6.60 -11.14
CA LEU A 126 -7.50 -5.43 -10.40
CA LEU A 126 -7.71 -5.86 -10.33
C LEU A 126 -7.72 -6.10 -9.06
C LEU A 126 -7.82 -6.52 -8.96
N LEU A 127 -7.32 -5.41 -7.99
N LEU A 127 -7.77 -5.72 -7.89
CA LEU A 127 -7.44 -5.96 -6.65
CA LEU A 127 -7.86 -6.23 -6.53
C LEU A 127 -8.91 -6.18 -6.29
C LEU A 127 -9.29 -6.13 -6.01
N SER A 128 -9.15 -7.26 -5.55
N SER A 128 -9.70 -7.12 -5.23
CA SER A 128 -10.46 -7.65 -5.03
CA SER A 128 -11.03 -7.16 -4.62
C SER A 128 -11.45 -8.06 -6.10
C SER A 128 -12.12 -6.94 -5.65
N ALA A 129 -11.04 -8.09 -7.38
N ALA A 129 -12.08 -7.74 -6.72
CA ALA A 129 -11.90 -8.56 -8.46
CA ALA A 129 -13.01 -7.54 -7.82
C ALA A 129 -11.88 -10.09 -8.52
C ALA A 129 -13.22 -8.86 -8.55
N GLY A 130 -12.58 -10.63 -9.53
N GLY A 130 -14.49 -9.23 -8.73
CA GLY A 130 -12.60 -12.08 -9.69
CA GLY A 130 -14.84 -10.32 -9.61
C GLY A 130 -13.19 -12.74 -8.47
C GLY A 130 -15.06 -9.81 -11.02
N ILE A 131 -12.52 -13.81 -8.01
N ILE A 131 -16.07 -10.37 -11.69
CA ILE A 131 -13.04 -14.59 -6.91
CA ILE A 131 -16.44 -9.95 -13.03
C ILE A 131 -13.03 -13.86 -5.57
C ILE A 131 -17.91 -9.58 -13.15
N PHE A 132 -12.42 -12.66 -5.49
N PHE A 132 -18.65 -9.59 -12.05
CA PHE A 132 -12.51 -11.86 -4.28
CA PHE A 132 -20.09 -9.33 -12.05
C PHE A 132 -13.84 -11.11 -4.16
C PHE A 132 -20.40 -8.05 -11.29
N GLY A 133 -14.66 -11.09 -5.21
N GLY A 133 -21.27 -7.23 -11.87
CA GLY A 133 -16.05 -10.71 -5.08
CA GLY A 133 -21.80 -6.09 -11.16
C GLY A 133 -16.40 -9.24 -5.19
C GLY A 133 -20.83 -4.93 -11.06
N ALA A 134 -15.44 -8.35 -5.39
N ALA A 134 -21.01 -4.13 -10.01
CA ALA A 134 -15.76 -6.94 -5.53
CA ALA A 134 -20.20 -2.94 -9.76
C ALA A 134 -16.10 -6.62 -6.99
C ALA A 134 -19.08 -3.22 -8.76
N ASP A 135 -16.74 -5.47 -7.17
N ASP A 135 -18.38 -4.33 -8.96
CA ASP A 135 -17.06 -4.97 -8.51
CA ASP A 135 -17.20 -4.63 -8.15
C ASP A 135 -15.79 -4.48 -9.18
C ASP A 135 -15.92 -4.37 -8.94
N PRO A 136 -15.37 -5.07 -10.31
N PRO A 136 -15.73 -4.95 -10.13
CA PRO A 136 -14.11 -4.61 -10.95
CA PRO A 136 -14.53 -4.61 -10.91
C PRO A 136 -14.16 -3.16 -11.41
C PRO A 136 -14.51 -3.16 -11.36
N ILE A 137 -15.32 -2.63 -11.77
N ILE A 137 -15.67 -2.58 -11.67
CA ILE A 137 -15.41 -1.22 -12.14
CA ILE A 137 -15.73 -1.15 -11.98
C ILE A 137 -15.01 -0.33 -10.97
C ILE A 137 -15.20 -0.34 -10.80
N HIS A 138 -15.50 -0.68 -9.78
N HIS A 138 -15.58 -0.73 -9.59
CA HIS A 138 -15.11 0.04 -8.57
CA HIS A 138 -15.15 0.00 -8.41
C HIS A 138 -13.62 -0.11 -8.29
C HIS A 138 -13.65 -0.14 -8.18
N SER A 139 -13.11 -1.33 -8.42
CA SER A 139 -11.68 -1.54 -8.20
C SER A 139 -10.84 -0.67 -9.12
N LEU A 140 -11.24 -0.54 -10.39
CA LEU A 140 -10.49 0.30 -11.30
C LEU A 140 -10.53 1.76 -10.87
N ARG A 141 -11.70 2.22 -10.40
CA ARG A 141 -11.83 3.59 -9.93
C ARG A 141 -10.91 3.85 -8.74
N VAL A 142 -10.91 2.95 -7.76
CA VAL A 142 -10.02 3.11 -6.62
C VAL A 142 -8.56 3.09 -7.06
N CYS A 143 -8.22 2.20 -7.98
CA CYS A 143 -6.85 2.16 -8.49
C CYS A 143 -6.44 3.52 -9.04
N VAL A 144 -7.25 4.07 -9.94
CA VAL A 144 -6.92 5.33 -10.59
C VAL A 144 -6.81 6.46 -9.59
N ASP A 145 -7.66 6.44 -8.56
CA ASP A 145 -7.69 7.51 -7.57
C ASP A 145 -6.71 7.32 -6.43
N THR A 146 -5.96 6.21 -6.41
CA THR A 146 -5.04 5.92 -5.31
C THR A 146 -3.60 5.74 -5.77
N VAL A 147 -3.38 5.01 -6.84
CA VAL A 147 -2.03 4.73 -7.31
C VAL A 147 -1.51 5.92 -8.10
N ARG A 148 -0.31 6.38 -7.72
CA ARG A 148 0.36 7.48 -8.40
C ARG A 148 1.55 7.02 -9.23
N THR A 149 2.05 5.82 -8.98
CA THR A 149 3.12 5.24 -9.77
C THR A 149 2.52 4.59 -11.02
N ASN A 150 3.37 4.07 -11.89
CA ASN A 150 2.94 3.62 -13.21
C ASN A 150 2.45 2.18 -13.11
N VAL A 151 1.16 1.97 -13.35
CA VAL A 151 0.55 0.66 -13.20
C VAL A 151 -0.02 0.20 -14.53
N TYR A 152 0.33 -1.03 -14.88
CA TYR A 152 -0.12 -1.72 -16.09
C TYR A 152 -1.04 -2.85 -15.66
N LEU A 153 -2.34 -2.63 -15.86
N LEU A 153 -2.31 -2.77 -16.03
CA LEU A 153 -3.39 -3.53 -15.38
CA LEU A 153 -3.26 -3.78 -15.63
C LEU A 153 -3.74 -4.55 -16.45
C LEU A 153 -3.46 -4.82 -16.73
N ALA A 154 -3.69 -5.82 -16.07
N ALA A 154 -3.46 -6.09 -16.34
CA ALA A 154 -4.02 -6.93 -16.95
CA ALA A 154 -3.80 -7.21 -17.20
C ALA A 154 -5.37 -7.48 -16.53
C ALA A 154 -5.13 -7.78 -16.71
N VAL A 155 -6.30 -7.52 -17.47
N VAL A 155 -6.18 -7.66 -17.52
CA VAL A 155 -7.66 -8.01 -17.26
CA VAL A 155 -7.51 -8.14 -17.18
C VAL A 155 -7.81 -9.27 -18.11
C VAL A 155 -7.87 -9.26 -18.15
N PHE A 156 -8.02 -10.41 -17.44
N PHE A 156 -8.10 -10.46 -17.62
CA PHE A 156 -8.05 -11.69 -18.14
CA PHE A 156 -8.22 -11.63 -18.48
C PHE A 156 -9.25 -11.77 -19.08
C PHE A 156 -9.58 -11.73 -19.16
N ASP A 157 -10.43 -11.41 -18.60
N ASP A 157 -10.64 -11.17 -18.57
CA ASP A 157 -11.67 -11.62 -19.33
CA ASP A 157 -11.99 -11.33 -19.11
C ASP A 157 -11.85 -10.52 -20.38
C ASP A 157 -12.28 -10.24 -20.14
N LYS A 158 -11.90 -10.92 -21.66
N LYS A 158 -12.59 -10.66 -21.37
CA LYS A 158 -12.07 -9.93 -22.71
CA LYS A 158 -12.73 -9.74 -22.49
C LYS A 158 -13.39 -9.18 -22.55
C LYS A 158 -13.95 -8.83 -22.32
N ASN A 159 -14.46 -9.89 -22.19
N ASN A 159 -15.10 -9.41 -21.98
CA ASN A 159 -15.73 -9.20 -22.00
CA ASN A 159 -16.30 -8.60 -21.78
C ASN A 159 -15.64 -8.16 -20.88
C ASN A 159 -16.09 -7.61 -20.64
N LEU A 160 -14.98 -8.51 -19.78
N LEU A 160 -15.40 -8.04 -19.58
CA LEU A 160 -14.88 -7.55 -18.68
CA LEU A 160 -15.03 -7.12 -18.52
C LEU A 160 -14.05 -6.35 -19.07
C LEU A 160 -14.04 -6.08 -19.03
N TYR A 161 -12.97 -6.58 -19.81
N TYR A 161 -12.96 -6.52 -19.68
CA TYR A 161 -12.11 -5.48 -20.25
CA TYR A 161 -12.03 -5.56 -20.30
C TYR A 161 -12.90 -4.43 -21.02
C TYR A 161 -12.78 -4.60 -21.20
N ASP A 162 -13.69 -4.85 -22.01
N ASP A 162 -13.70 -5.13 -22.02
CA ASP A 162 -14.43 -3.90 -22.82
CA ASP A 162 -14.54 -4.28 -22.85
C ASP A 162 -15.38 -3.08 -21.96
C ASP A 162 -15.39 -3.36 -21.99
N LYS A 163 -15.97 -3.71 -20.94
N LYS A 163 -16.07 -3.92 -20.99
CA LYS A 163 -16.89 -3.00 -20.05
CA LYS A 163 -16.88 -3.10 -20.11
C LYS A 163 -16.16 -1.96 -19.21
C LYS A 163 -16.02 -2.12 -19.32
N LEU A 164 -14.97 -2.27 -18.74
N LEU A 164 -14.82 -2.55 -18.90
CA LEU A 164 -14.20 -1.33 -17.92
CA LEU A 164 -13.94 -1.66 -18.15
C LEU A 164 -13.81 -0.10 -18.72
C LEU A 164 -13.51 -0.47 -18.98
N VAL A 165 -13.38 -0.32 -19.97
N VAL A 165 -13.04 -0.72 -20.21
CA VAL A 165 -12.99 0.79 -20.84
CA VAL A 165 -12.60 0.38 -21.07
C VAL A 165 -14.21 1.66 -21.16
C VAL A 165 -13.79 1.26 -21.44
N SER A 166 -15.29 1.02 -21.63
N SER A 166 -14.92 0.65 -21.79
CA SER A 166 -16.45 1.77 -22.12
CA SER A 166 -16.06 1.41 -22.28
C SER A 166 -17.14 2.54 -21.01
C SER A 166 -16.66 2.30 -21.20
N SER A 167 -16.98 2.11 -19.75
N SER A 167 -16.66 1.85 -19.95
CA SER A 167 -17.61 2.76 -18.61
CA SER A 167 -17.32 2.59 -18.88
C SER A 167 -16.66 3.67 -17.86
C SER A 167 -16.38 3.49 -18.09
N PHE A 168 -15.43 3.86 -18.33
N PHE A 168 -15.07 3.41 -18.30
CA PHE A 168 -14.44 4.61 -17.58
CA PHE A 168 -14.14 4.18 -17.49
C PHE A 168 -14.69 6.10 -17.68
C PHE A 168 -14.34 5.67 -17.74
N LEU A 169 -14.66 6.78 -16.54
N LEU A 169 -14.66 6.40 -16.69
CA LEU A 169 -14.83 8.23 -16.53
CA LEU A 169 -14.95 7.83 -16.80
C LEU A 169 -13.49 8.92 -16.45
C LEU A 169 -13.71 8.66 -16.53
N SER B 1 -5.56 -3.79 31.85
CA SER B 1 -4.50 -2.79 31.55
C SER B 1 -5.00 -1.71 30.60
N MET B 2 -4.41 -0.53 30.74
N MET B 2 -4.41 -0.53 30.74
CA MET B 2 -4.76 0.63 29.95
CA MET B 2 -4.76 0.64 29.93
C MET B 2 -3.75 0.79 28.82
C MET B 2 -3.75 0.79 28.82
N VAL B 3 -4.22 0.68 27.58
CA VAL B 3 -3.40 0.96 26.40
C VAL B 3 -4.20 1.89 25.50
N ASN B 4 -3.47 2.62 24.66
CA ASN B 4 -4.09 3.57 23.74
C ASN B 4 -5.04 4.52 24.47
N SER B 5 -4.60 5.01 25.63
CA SER B 5 -5.42 5.89 26.46
C SER B 5 -5.02 7.33 26.15
N PHE B 6 -5.46 7.81 25.00
CA PHE B 6 -5.18 9.17 24.57
C PHE B 6 -6.16 10.12 25.25
N SER B 7 -5.65 11.22 25.78
CA SER B 7 -6.49 12.20 26.46
C SER B 7 -6.00 13.61 26.18
N GLY B 8 -6.95 14.54 26.10
N GLY B 8 -6.95 14.54 26.10
CA GLY B 8 -6.61 15.93 25.88
CA GLY B 8 -6.61 15.93 25.88
C GLY B 8 -6.31 16.30 24.44
C GLY B 8 -6.31 16.30 24.44
N TYR B 9 -6.73 15.48 23.48
CA TYR B 9 -6.50 15.79 22.07
C TYR B 9 -7.64 16.62 21.51
N LEU B 10 -7.26 17.51 20.60
CA LEU B 10 -8.21 18.32 19.85
C LEU B 10 -8.52 17.60 18.55
N LYS B 11 -9.81 17.45 18.27
N LYS B 11 -9.81 17.47 18.25
CA LYS B 11 -10.26 16.78 17.05
CA LYS B 11 -10.26 16.77 17.05
C LYS B 11 -10.13 17.75 15.88
C LYS B 11 -10.18 17.72 15.86
N LEU B 12 -9.42 17.33 14.84
CA LEU B 12 -9.33 18.09 13.60
C LEU B 12 -10.28 17.54 12.53
N THR B 13 -10.24 16.23 12.33
CA THR B 13 -11.16 15.53 11.46
C THR B 13 -11.66 14.30 12.22
N ASP B 14 -12.50 13.51 11.56
CA ASP B 14 -13.04 12.32 12.22
C ASP B 14 -11.95 11.35 12.66
N ASN B 15 -10.77 11.40 12.06
CA ASN B 15 -9.71 10.45 12.39
C ASN B 15 -8.37 11.09 12.76
N VAL B 16 -8.24 12.41 12.72
CA VAL B 16 -6.97 13.08 13.03
C VAL B 16 -7.18 13.97 14.24
N TYR B 17 -6.33 13.76 15.25
CA TYR B 17 -6.37 14.45 16.53
C TYR B 17 -4.99 15.06 16.80
N ILE B 18 -4.95 16.13 17.59
CA ILE B 18 -3.69 16.83 17.80
C ILE B 18 -3.60 17.32 19.24
N LYS B 19 -2.37 17.33 19.77
CA LYS B 19 -2.12 17.74 21.14
C LYS B 19 -0.76 18.41 21.23
N ASN B 20 -0.67 19.43 22.08
CA ASN B 20 0.63 20.05 22.40
C ASN B 20 1.28 19.18 23.46
N ALA B 21 2.29 18.39 23.08
CA ALA B 21 2.87 17.43 24.00
C ALA B 21 4.22 16.94 23.48
N ASP B 22 5.02 16.45 24.44
CA ASP B 22 6.29 15.77 24.19
C ASP B 22 5.95 14.31 23.87
N ILE B 23 6.29 13.87 22.65
CA ILE B 23 5.87 12.54 22.18
C ILE B 23 6.41 11.42 23.04
N VAL B 24 7.60 11.59 23.62
CA VAL B 24 8.14 10.57 24.53
C VAL B 24 7.28 10.48 25.80
N GLU B 25 7.00 11.63 26.41
CA GLU B 25 6.16 11.63 27.59
C GLU B 25 4.77 11.10 27.27
N GLU B 26 4.24 11.47 26.10
N GLU B 26 4.24 11.47 26.10
CA GLU B 26 2.94 10.98 25.68
CA GLU B 26 2.94 10.98 25.68
C GLU B 26 2.96 9.46 25.54
C GLU B 26 2.95 9.46 25.55
N ALA B 27 3.98 8.92 24.88
CA ALA B 27 4.06 7.48 24.70
C ALA B 27 4.07 6.76 26.05
N LYS B 28 4.83 7.27 27.02
CA LYS B 28 4.89 6.60 28.31
C LYS B 28 3.56 6.66 29.03
N LYS B 29 2.78 7.72 28.81
N LYS B 29 2.78 7.73 28.81
CA LYS B 29 1.49 7.87 29.48
CA LYS B 29 1.49 7.88 29.47
C LYS B 29 0.39 7.11 28.76
C LYS B 29 0.39 7.11 28.76
N VAL B 30 0.33 7.24 27.43
CA VAL B 30 -0.77 6.67 26.64
C VAL B 30 -0.64 5.17 26.49
N LYS B 31 0.58 4.65 26.52
N LYS B 31 0.58 4.66 26.52
CA LYS B 31 0.87 3.25 26.24
CA LYS B 31 0.88 3.26 26.23
C LYS B 31 0.29 2.81 24.90
C LYS B 31 0.28 2.83 24.90
N PRO B 32 0.71 3.44 23.79
CA PRO B 32 0.12 3.13 22.48
C PRO B 32 0.62 1.81 21.92
N THR B 33 -0.24 1.18 21.09
CA THR B 33 0.20 0.03 20.32
C THR B 33 1.33 0.42 19.36
N VAL B 34 1.25 1.62 18.76
CA VAL B 34 2.22 2.05 17.76
C VAL B 34 2.62 3.49 18.04
N VAL B 35 3.92 3.73 18.16
CA VAL B 35 4.48 5.07 18.08
C VAL B 35 5.24 5.17 16.76
N VAL B 36 5.04 6.28 16.05
CA VAL B 36 5.74 6.52 14.80
C VAL B 36 7.04 7.27 15.07
N ASN B 37 8.11 6.80 14.46
CA ASN B 37 9.38 7.52 14.45
C ASN B 37 9.57 8.25 13.11
N ALA B 38 10.08 9.47 13.20
CA ALA B 38 10.53 10.26 12.05
C ALA B 38 11.92 9.78 11.66
N ALA B 39 11.96 8.67 10.92
CA ALA B 39 13.16 7.93 10.61
C ALA B 39 13.81 8.43 9.31
N ASN B 40 15.06 8.02 9.12
CA ASN B 40 15.74 8.11 7.84
C ASN B 40 16.02 6.71 7.32
N VAL B 41 16.51 6.63 6.08
CA VAL B 41 16.57 5.33 5.39
C VAL B 41 17.51 4.35 6.06
N TYR B 42 18.54 4.83 6.75
CA TYR B 42 19.48 3.94 7.45
C TYR B 42 19.16 3.81 8.94
N LEU B 43 18.00 4.31 9.38
CA LEU B 43 17.57 4.19 10.76
C LEU B 43 18.66 4.66 11.72
N LYS B 44 19.30 5.78 11.40
CA LYS B 44 20.28 6.42 12.26
C LYS B 44 19.56 7.50 13.04
N HIS B 45 19.31 7.24 14.32
CA HIS B 45 18.39 8.04 15.12
C HIS B 45 19.17 9.14 15.86
N GLY B 46 19.60 10.13 15.10
CA GLY B 46 20.47 11.15 15.64
C GLY B 46 19.79 12.34 16.31
N GLY B 47 18.84 12.96 15.61
CA GLY B 47 18.31 14.24 16.04
C GLY B 47 16.79 14.24 16.07
N GLY B 48 16.23 15.36 16.51
CA GLY B 48 14.79 15.52 16.48
C GLY B 48 14.08 14.38 17.19
N VAL B 49 12.94 13.99 16.61
CA VAL B 49 12.11 12.95 17.21
C VAL B 49 12.89 11.64 17.37
N ALA B 50 13.61 11.23 16.32
CA ALA B 50 14.30 9.94 16.37
C ALA B 50 15.34 9.92 17.49
N GLY B 51 16.09 11.01 17.65
CA GLY B 51 17.06 11.06 18.72
C GLY B 51 16.40 10.97 20.08
N ALA B 52 15.26 11.64 20.26
CA ALA B 52 14.57 11.60 21.54
C ALA B 52 14.01 10.21 21.83
N LEU B 53 13.37 9.57 20.83
CA LEU B 53 12.85 8.22 21.05
C LEU B 53 13.99 7.25 21.39
N ASN B 54 15.07 7.31 20.63
CA ASN B 54 16.16 6.38 20.88
C ASN B 54 16.76 6.60 22.27
N LYS B 55 16.97 7.86 22.65
CA LYS B 55 17.49 8.15 23.98
C LYS B 55 16.60 7.57 25.06
N ALA B 56 15.27 7.66 24.89
CA ALA B 56 14.36 7.13 25.88
C ALA B 56 14.52 5.62 26.04
N THR B 57 14.90 4.94 24.96
CA THR B 57 15.13 3.49 25.01
C THR B 57 16.55 3.14 25.48
N ASN B 58 17.33 4.12 25.91
CA ASN B 58 18.72 3.87 26.31
C ASN B 58 19.51 3.19 25.20
N ASN B 59 19.29 3.64 23.97
CA ASN B 59 20.00 3.19 22.77
C ASN B 59 19.57 1.81 22.28
N ALA B 60 18.61 1.16 22.93
CA ALA B 60 18.17 -0.16 22.47
C ALA B 60 17.56 -0.07 21.08
N MET B 61 16.86 1.03 20.79
CA MET B 61 16.29 1.21 19.46
C MET B 61 17.38 1.24 18.40
N GLN B 62 18.48 1.94 18.67
CA GLN B 62 19.55 2.04 17.68
C GLN B 62 20.21 0.69 17.45
N VAL B 63 20.46 -0.08 18.51
CA VAL B 63 21.09 -1.39 18.34
C VAL B 63 20.19 -2.28 17.50
N GLU B 64 18.90 -2.31 17.81
CA GLU B 64 17.95 -3.11 17.04
C GLU B 64 17.89 -2.63 15.60
N SER B 65 17.93 -1.32 15.38
CA SER B 65 17.86 -0.77 14.05
C SER B 65 19.08 -1.13 13.22
N ASP B 66 20.28 -1.06 13.80
CA ASP B 66 21.48 -1.42 13.06
C ASP B 66 21.43 -2.89 12.63
N ASP B 67 20.91 -3.76 13.48
CA ASP B 67 20.74 -5.16 13.10
C ASP B 67 19.73 -5.31 11.97
N TYR B 68 18.61 -4.58 12.03
CA TYR B 68 17.64 -4.61 10.95
C TYR B 68 18.30 -4.22 9.62
N ILE B 69 19.10 -3.16 9.64
CA ILE B 69 19.76 -2.68 8.41
C ILE B 69 20.75 -3.71 7.89
N ALA B 70 21.51 -4.34 8.79
CA ALA B 70 22.45 -5.37 8.34
C ALA B 70 21.74 -6.47 7.59
N THR B 71 20.54 -6.85 8.04
CA THR B 71 19.81 -7.95 7.43
C THR B 71 19.05 -7.53 6.17
N ASN B 72 18.50 -6.31 6.17
CA ASN B 72 17.53 -5.90 5.17
C ASN B 72 17.97 -4.76 4.26
N GLY B 73 19.03 -4.04 4.61
CA GLY B 73 19.40 -2.86 3.86
C GLY B 73 18.50 -1.69 4.17
N PRO B 74 18.82 -0.55 3.57
CA PRO B 74 18.08 0.69 3.89
C PRO B 74 16.65 0.65 3.38
N LEU B 75 15.82 1.44 4.05
CA LEU B 75 14.46 1.68 3.60
C LEU B 75 14.48 2.59 2.37
N LYS B 76 13.31 2.71 1.73
CA LYS B 76 13.07 3.70 0.70
C LYS B 76 12.48 4.96 1.35
N VAL B 77 12.84 6.13 0.81
CA VAL B 77 12.11 7.34 1.18
C VAL B 77 10.65 7.14 0.82
N GLY B 78 9.76 7.38 1.78
CA GLY B 78 8.35 7.08 1.66
C GLY B 78 7.95 5.74 2.23
N GLY B 79 8.92 4.90 2.63
CA GLY B 79 8.64 3.59 3.18
C GLY B 79 8.72 3.55 4.70
N SER B 80 8.59 2.34 5.23
CA SER B 80 8.56 2.15 6.67
C SER B 80 8.96 0.72 7.03
N CYS B 81 9.24 0.52 8.31
CA CYS B 81 9.32 -0.82 8.88
C CYS B 81 8.79 -0.79 10.31
N VAL B 82 8.32 -1.95 10.77
CA VAL B 82 7.84 -2.13 12.14
C VAL B 82 8.93 -2.81 12.95
N LEU B 83 9.33 -2.17 14.05
CA LEU B 83 10.26 -2.73 15.01
C LEU B 83 9.65 -2.64 16.40
N SER B 84 10.41 -3.06 17.42
CA SER B 84 9.89 -2.98 18.78
C SER B 84 9.70 -1.54 19.21
N GLY B 85 8.72 -1.34 20.10
CA GLY B 85 8.54 -0.06 20.75
C GLY B 85 9.23 0.07 22.09
N HIS B 86 9.93 -0.96 22.57
CA HIS B 86 10.78 -0.85 23.77
C HIS B 86 9.94 -0.37 24.95
N ASN B 87 10.34 0.67 25.66
CA ASN B 87 9.59 1.21 26.79
C ASN B 87 8.59 2.27 26.37
N LEU B 88 8.34 2.44 25.08
CA LEU B 88 7.47 3.50 24.55
C LEU B 88 6.14 3.00 24.03
N ALA B 89 6.08 1.79 23.50
CA ALA B 89 4.92 1.32 22.76
C ALA B 89 5.13 -0.16 22.50
N LYS B 90 4.07 -0.83 22.07
CA LYS B 90 4.26 -2.21 21.62
C LYS B 90 5.20 -2.24 20.43
N HIS B 91 4.95 -1.37 19.44
CA HIS B 91 5.72 -1.31 18.20
C HIS B 91 6.13 0.12 17.93
N CYS B 92 7.27 0.27 17.27
CA CYS B 92 7.63 1.53 16.63
C CYS B 92 7.55 1.36 15.13
N LEU B 93 6.74 2.20 14.49
CA LEU B 93 6.68 2.27 13.03
C LEU B 93 7.66 3.34 12.57
N HIS B 94 8.78 2.92 12.01
CA HIS B 94 9.79 3.85 11.51
C HIS B 94 9.39 4.26 10.11
N VAL B 95 9.01 5.52 9.91
CA VAL B 95 8.51 6.02 8.63
C VAL B 95 9.47 7.08 8.11
N VAL B 96 9.86 6.95 6.85
CA VAL B 96 10.80 7.88 6.23
C VAL B 96 10.02 8.88 5.38
N GLY B 97 9.84 10.10 5.90
CA GLY B 97 9.36 11.19 5.09
C GLY B 97 10.52 11.82 4.35
N PRO B 98 10.23 12.56 3.27
CA PRO B 98 11.29 13.28 2.57
C PRO B 98 11.90 14.36 3.44
N ASN B 99 13.21 14.48 3.35
CA ASN B 99 13.96 15.53 4.06
C ASN B 99 14.25 16.65 3.06
N VAL B 100 13.46 17.72 3.12
CA VAL B 100 13.65 18.86 2.22
C VAL B 100 15.00 19.53 2.46
N ASN B 101 15.50 19.51 3.70
CA ASN B 101 16.83 20.03 3.98
C ASN B 101 17.93 19.25 3.29
N LYS B 102 17.62 18.06 2.76
N LYS B 102 17.63 18.05 2.78
CA LYS B 102 18.56 17.27 1.98
CA LYS B 102 18.57 17.26 2.00
C LYS B 102 18.16 17.20 0.51
C LYS B 102 18.20 17.20 0.53
N GLY B 103 17.25 18.05 0.06
N GLY B 103 17.26 18.02 0.07
CA GLY B 103 16.88 18.10 -1.34
CA GLY B 103 16.90 18.08 -1.33
C GLY B 103 15.92 17.03 -1.80
C GLY B 103 15.91 17.04 -1.79
N GLU B 104 15.33 16.27 -0.87
CA GLU B 104 14.41 15.20 -1.26
C GLU B 104 13.04 15.77 -1.65
N ASP B 105 12.35 15.03 -2.51
N ASP B 105 12.36 15.04 -2.53
CA ASP B 105 11.13 15.52 -3.12
CA ASP B 105 11.13 15.54 -3.12
C ASP B 105 9.99 15.52 -2.11
C ASP B 105 10.00 15.53 -2.10
N ILE B 106 9.46 16.70 -1.80
CA ILE B 106 8.34 16.82 -0.88
C ILE B 106 7.13 16.03 -1.37
N GLN B 107 7.05 15.73 -2.66
CA GLN B 107 5.94 14.96 -3.19
C GLN B 107 5.85 13.57 -2.56
N LEU B 108 6.95 13.03 -2.02
CA LEU B 108 6.96 11.71 -1.41
C LEU B 108 6.30 11.68 -0.04
N LEU B 109 5.85 12.83 0.45
CA LEU B 109 5.24 12.88 1.77
C LEU B 109 3.93 12.11 1.80
N LYS B 110 3.16 12.12 0.72
CA LYS B 110 1.91 11.36 0.72
C LYS B 110 2.18 9.86 0.86
N SER B 111 3.14 9.34 0.10
CA SER B 111 3.51 7.93 0.23
C SER B 111 3.91 7.61 1.67
N ALA B 112 4.69 8.50 2.29
CA ALA B 112 5.10 8.28 3.67
C ALA B 112 3.90 8.15 4.60
N TYR B 113 2.93 9.06 4.48
CA TYR B 113 1.75 8.99 5.33
C TYR B 113 0.89 7.75 5.05
N GLU B 114 0.91 7.23 3.83
CA GLU B 114 0.12 6.04 3.53
C GLU B 114 0.51 4.88 4.44
N ASN B 115 1.74 4.83 4.93
CA ASN B 115 2.13 3.76 5.85
C ASN B 115 1.25 3.73 7.09
N PHE B 116 0.74 4.90 7.52
CA PHE B 116 -0.07 4.95 8.72
C PHE B 116 -1.35 4.14 8.56
N ASN B 117 -1.86 4.00 7.32
CA ASN B 117 -3.12 3.31 7.10
C ASN B 117 -3.05 1.82 7.38
N GLN B 118 -1.87 1.26 7.61
CA GLN B 118 -1.72 -0.13 7.96
C GLN B 118 -1.88 -0.38 9.46
N HIS B 119 -2.22 0.64 10.24
CA HIS B 119 -2.36 0.54 11.69
C HIS B 119 -3.61 1.26 12.12
N GLU B 120 -4.43 0.61 12.94
N GLU B 120 -4.43 0.62 12.96
CA GLU B 120 -5.74 1.20 13.27
CA GLU B 120 -5.73 1.19 13.28
C GLU B 120 -5.62 2.46 14.10
C GLU B 120 -5.64 2.45 14.13
N VAL B 121 -4.60 2.56 14.96
CA VAL B 121 -4.39 3.74 15.81
C VAL B 121 -2.90 3.92 16.03
N LEU B 122 -2.43 5.17 15.95
CA LEU B 122 -1.02 5.52 16.09
C LEU B 122 -0.87 6.82 16.85
N LEU B 123 0.22 6.89 17.64
CA LEU B 123 0.76 8.14 18.17
C LEU B 123 1.90 8.56 17.25
N ALA B 124 1.87 9.81 16.77
CA ALA B 124 2.80 10.16 15.70
C ALA B 124 3.23 11.62 15.77
N PRO B 125 4.41 11.93 15.21
CA PRO B 125 4.78 13.30 14.90
C PRO B 125 4.33 13.64 13.48
N LEU B 126 4.40 14.94 13.14
CA LEU B 126 4.20 15.37 11.76
C LEU B 126 5.40 14.99 10.91
N LEU B 127 5.16 14.20 9.87
CA LEU B 127 6.26 13.74 9.03
C LEU B 127 6.88 14.89 8.25
N SER B 128 8.18 14.80 8.06
CA SER B 128 8.99 15.75 7.30
C SER B 128 9.06 17.13 7.94
N ALA B 129 8.50 17.31 9.14
CA ALA B 129 8.57 18.58 9.84
C ALA B 129 9.90 18.72 10.57
N GLY B 130 10.07 19.87 11.21
CA GLY B 130 11.23 20.08 12.07
C GLY B 130 12.52 20.00 11.29
N ILE B 131 13.43 19.15 11.79
CA ILE B 131 14.75 19.04 11.17
C ILE B 131 14.70 18.49 9.76
N PHE B 132 13.56 17.94 9.33
CA PHE B 132 13.40 17.48 7.95
C PHE B 132 13.03 18.62 6.99
N GLY B 133 12.62 19.79 7.48
CA GLY B 133 12.57 20.99 6.66
C GLY B 133 11.28 21.29 5.93
N ALA B 134 10.27 20.42 5.99
CA ALA B 134 9.02 20.74 5.30
C ALA B 134 8.19 21.71 6.13
N ASP B 135 7.26 22.38 5.46
CA ASP B 135 6.31 23.24 6.14
C ASP B 135 5.38 22.36 6.98
N PRO B 136 5.36 22.52 8.31
CA PRO B 136 4.46 21.67 9.11
C PRO B 136 2.99 21.85 8.76
N ILE B 137 2.58 23.03 8.31
CA ILE B 137 1.20 23.23 7.86
C ILE B 137 0.90 22.31 6.69
N HIS B 138 1.84 22.19 5.75
CA HIS B 138 1.65 21.27 4.64
C HIS B 138 1.66 19.82 5.11
N SER B 139 2.54 19.47 6.06
CA SER B 139 2.54 18.11 6.54
C SER B 139 1.21 17.74 7.17
N LEU B 140 0.61 18.66 7.93
CA LEU B 140 -0.70 18.40 8.51
C LEU B 140 -1.74 18.22 7.42
N ARG B 141 -1.68 19.05 6.37
CA ARG B 141 -2.58 18.92 5.23
C ARG B 141 -2.50 17.54 4.61
N VAL B 142 -1.28 17.09 4.30
CA VAL B 142 -1.12 15.79 3.69
C VAL B 142 -1.60 14.69 4.63
N CYS B 143 -1.30 14.82 5.93
CA CYS B 143 -1.78 13.85 6.90
C CYS B 143 -3.31 13.72 6.83
N VAL B 144 -4.01 14.85 6.93
CA VAL B 144 -5.46 14.80 6.93
C VAL B 144 -6.02 14.24 5.64
N ASP B 145 -5.37 14.52 4.51
CA ASP B 145 -5.86 14.11 3.21
C ASP B 145 -5.42 12.69 2.84
N THR B 146 -4.61 12.04 3.66
CA THR B 146 -4.06 10.73 3.34
C THR B 146 -4.39 9.67 4.37
N VAL B 147 -4.26 9.98 5.65
CA VAL B 147 -4.47 9.00 6.70
C VAL B 147 -5.96 8.87 6.95
N ARG B 148 -6.42 7.62 6.99
CA ARG B 148 -7.80 7.29 7.30
C ARG B 148 -7.96 6.56 8.62
N THR B 149 -6.90 5.98 9.16
CA THR B 149 -6.91 5.36 10.48
C THR B 149 -6.75 6.47 11.53
N ASN B 150 -6.81 6.10 12.80
CA ASN B 150 -6.87 7.08 13.87
C ASN B 150 -5.45 7.50 14.25
N VAL B 151 -5.12 8.75 13.98
CA VAL B 151 -3.78 9.26 14.24
C VAL B 151 -3.86 10.40 15.25
N TYR B 152 -3.04 10.27 16.29
CA TYR B 152 -2.91 11.20 17.41
C TYR B 152 -1.55 11.88 17.27
N LEU B 153 -1.56 13.15 16.87
CA LEU B 153 -0.36 13.90 16.57
C LEU B 153 0.11 14.65 17.81
N ALA B 154 1.40 14.52 18.12
CA ALA B 154 2.04 15.23 19.23
C ALA B 154 2.92 16.34 18.64
N VAL B 155 2.67 17.57 19.05
CA VAL B 155 3.43 18.74 18.63
C VAL B 155 4.05 19.35 19.88
N PHE B 156 5.39 19.37 19.93
CA PHE B 156 6.09 19.79 21.15
C PHE B 156 5.95 21.28 21.45
N ASP B 157 6.16 22.13 20.45
CA ASP B 157 6.19 23.57 20.69
C ASP B 157 4.77 24.13 20.68
N LYS B 158 4.34 24.71 21.81
CA LYS B 158 3.01 25.33 21.91
C LYS B 158 2.76 26.34 20.79
N ASN B 159 3.79 27.10 20.41
CA ASN B 159 3.59 28.12 19.38
C ASN B 159 3.38 27.51 18.00
N LEU B 160 4.03 26.38 17.70
CA LEU B 160 3.74 25.69 16.45
C LEU B 160 2.37 25.03 16.50
N TYR B 161 2.03 24.42 17.64
CA TYR B 161 0.69 23.86 17.82
C TYR B 161 -0.37 24.90 17.52
N ASP B 162 -0.22 26.09 18.09
CA ASP B 162 -1.21 27.15 17.87
C ASP B 162 -1.28 27.55 16.41
N LYS B 163 -0.14 27.65 15.73
CA LYS B 163 -0.14 27.97 14.31
C LYS B 163 -0.85 26.90 13.50
N LEU B 164 -0.62 25.63 13.85
CA LEU B 164 -1.25 24.52 13.12
C LEU B 164 -2.76 24.51 13.33
N VAL B 165 -3.20 24.63 14.58
CA VAL B 165 -4.63 24.57 14.88
C VAL B 165 -5.34 25.79 14.33
N SER B 166 -4.79 26.98 14.60
CA SER B 166 -5.48 28.22 14.24
C SER B 166 -5.61 28.36 12.73
N SER B 167 -4.71 27.79 11.96
CA SER B 167 -4.74 27.90 10.51
C SER B 167 -5.40 26.71 9.80
N PHE B 168 -5.74 25.64 10.52
CA PHE B 168 -6.32 24.47 9.85
C PHE B 168 -7.73 24.77 9.33
N LEU B 169 -8.46 25.61 10.04
N LEU B 169 -8.46 25.63 10.03
CA LEU B 169 -9.82 25.96 9.64
CA LEU B 169 -9.83 25.96 9.65
C LEU B 169 -10.20 27.40 9.98
C LEU B 169 -10.15 27.40 10.02
C3 A1BKQ C . -6.55 -15.27 -13.42
C6 A1BKQ C . -5.57 -13.49 -14.44
C12 A1BKQ C . -9.16 -9.71 -11.36
C14 A1BKQ C . -10.62 -10.01 -13.33
C10 A1BKQ C . -9.67 -12.06 -12.23
C11 A1BKQ C . -9.25 -11.20 -11.03
C13 A1BKQ C . -10.40 -9.24 -12.08
C15 A1BKQ C . -10.24 -11.27 -13.39
C18 A1BKQ C . -6.23 -11.37 -14.52
C2 A1BKQ C . -7.49 -16.09 -12.60
C4 A1BKQ C . -5.41 -15.67 -14.06
C7 A1BKQ C . -6.67 -13.85 -13.65
C8 A1BKQ C . -7.56 -12.80 -13.33
N1 A1BKQ C . -7.33 -17.41 -12.62
N17 A1BKQ C . -7.32 -11.55 -13.77
N19 A1BKQ C . -5.30 -12.26 -14.89
N5 A1BKQ C . -4.82 -14.61 -14.68
N9 A1BKQ C . -8.68 -13.05 -12.60
O20 A1BKQ C . -8.38 -15.54 -11.93
BR16 A1BKQ C . -10.48 -12.25 -15.00
H12B A1BKQ C . -9.03 -9.19 -10.55
H12A A1BKQ C . -8.37 -9.58 -11.91
H14 A1BKQ C . -11.06 -9.57 -14.08
H10 A1BKQ C . -10.45 -12.55 -11.92
H11A A1BKQ C . -9.89 -11.31 -10.30
H11B A1BKQ C . -8.38 -11.51 -10.69
H13A A1BKQ C . -10.31 -8.29 -12.30
H13B A1BKQ C . -11.18 -9.33 -11.50
H18 A1BKQ C . -6.08 -10.44 -14.82
H4 A1BKQ C . -4.99 -16.55 -14.13
H1B A1BKQ C . -7.84 -17.97 -12.16
H1A A1BKQ C . -6.68 -17.73 -13.12
H5 A1BKQ C . -3.99 -14.58 -14.99
H9 A1BKQ C . -8.80 -13.88 -12.32
C3 A1CM4 D . -6.51 -15.24 -13.45
C6 A1CM4 D . -5.33 -13.64 -14.56
C12 A1CM4 D . -9.92 -11.52 -10.29
C14 A1CM4 D . -11.65 -12.10 -12.00
C10 A1CM4 D . -9.31 -11.58 -12.73
C11 A1CM4 D . -9.13 -10.84 -11.40
C13 A1CM4 D . -11.40 -11.57 -10.63
C15 A1CM4 D . -10.72 -12.07 -12.93
C18 A1CM4 D . -5.80 -11.49 -14.86
C2 A1CM4 D . -7.56 -15.94 -12.63
C4 A1CM4 D . -5.40 -15.80 -14.03
C7 A1CM4 D . -6.48 -13.84 -13.78
C8 A1CM4 D . -7.29 -12.69 -13.60
N1 A1CM4 D . -7.49 -17.27 -12.57
N17 A1CM4 D . -6.92 -11.53 -14.15
N19 A1CM4 D . -4.95 -12.49 -15.11
N5 A1CM4 D . -4.69 -14.85 -14.70
N9 A1CM4 D . -8.42 -12.72 -12.86
O20 A1CM4 D . -8.45 -15.28 -12.07
BR16 A1CM4 D . -11.11 -12.77 -14.65
H12A A1CM4 D . -9.57 -12.42 -10.15
H12B A1CM4 D . -9.80 -11.04 -9.44
H14 A1CM4 D . -12.53 -12.48 -12.19
H10 A1CM4 D . -9.12 -10.92 -13.42
H11A A1CM4 D . -8.19 -10.80 -11.14
H11B A1CM4 D . -9.45 -9.92 -11.49
H13A A1CM4 D . -11.87 -12.14 -9.98
H13B A1CM4 D . -11.79 -10.67 -10.55
H18 A1CM4 D . -5.56 -10.62 -15.24
H4 A1CM4 D . -5.07 -16.73 -14.03
H1A A1CM4 D . -8.11 -17.68 -12.09
H1B A1CM4 D . -6.87 -17.74 -12.97
H5 A1CM4 D . -4.02 -14.98 -15.25
H9 A1CM4 D . -8.65 -13.47 -12.45
#